data_4BDZ
#
_entry.id   4BDZ
#
_cell.length_a   160.170
_cell.length_b   160.170
_cell.length_c   123.490
_cell.angle_alpha   90.00
_cell.angle_beta   90.00
_cell.angle_gamma   90.00
#
_symmetry.space_group_name_H-M   'P 41 21 2'
#
loop_
_entity.id
_entity.type
_entity.pdbx_description
1 polymer 'PFV INTEGRASE'
2 polymer '19 NUCLEOTIDE PREPROCESSED PFV DONOR DNA (NON-TRANSFERRED STRAND)'
3 polymer '17 NUCLEOTIDE PREPROCESSED PFV DONOR DNA (TRANSFERRED STRAND)'
4 non-polymer 'ZINC ION'
5 non-polymer 'SULFATE ION'
6 non-polymer GLYCEROL
7 non-polymer 'MAGNESIUM ION'
8 non-polymer 2-[(3-chloranyl-4-fluoranyl-phenyl)methyl]-6,7-bis(oxidanyl)isoindol-1-one
9 water water
#
loop_
_entity_poly.entity_id
_entity_poly.type
_entity_poly.pdbx_seq_one_letter_code
_entity_poly.pdbx_strand_id
1 'polypeptide(L)'
;GPGCNTKKPNLDAELDQLLQGHYIKGYPKQYTYFLEDGKVKVSRPEGVKIIPPQSDRQKIVLQAHNLAHTGREATLLKIA
NLYWWPNMRKDVVKQLGRCQQCLITNASNKASGPILRPDRPQKPFDKFFIDYIGPLPPSQGYLYVLVVVDGMTGFTWLYP
TKAPSTSATVKSLNVLTSIAIPKVIHSDQGAAFTSSTFAEWAKERGIHLEFSTPYHPQSSGKVERKNSDIKRLLTKLLVG
RPTKWYDLLPVVQLALNNTYSPVLKYTPHQLLFGIDSNTPFANQDTLDLTREEELSLLQEIRTSLYHPSTPPASSRSWSP
VVGQLVQERVARPASLRPRWHKPSTVLKVLNPRTVVILDHLGNNRTVSIDNLKPTSHQNGTTNDTATMDHLEKNE
;
A,B
2 'polydeoxyribonucleotide' (DA)(DT)(DT)(DG)(DT)(DC)(DA)(DT)(DG)(DG)(DA)(DA)(DT)(DT)(DT)(DC)(DG)(DC)(DA) C
3 'polydeoxyribonucleotide' (DT)(DG)(DC)(DG)(DA)(DA)(DA)(DT)(DT)(DC)(DC)(DA)(DT)(DG)(DA)(DC)(DA) D
#
# COMPACT_ATOMS: atom_id res chain seq x y z
N LEU A 11 31.07 16.73 51.32
CA LEU A 11 29.99 17.27 52.20
C LEU A 11 30.55 18.30 53.22
N ASP A 12 30.72 17.88 54.47
CA ASP A 12 31.24 18.76 55.56
C ASP A 12 32.74 18.99 55.48
N ALA A 13 33.45 18.04 54.87
CA ALA A 13 34.89 18.15 54.61
C ALA A 13 35.20 19.40 53.76
N GLU A 14 34.68 19.39 52.54
CA GLU A 14 34.80 20.52 51.60
C GLU A 14 34.38 21.84 52.22
N LEU A 15 33.22 21.84 52.85
CA LEU A 15 32.63 23.06 53.40
C LEU A 15 33.37 23.59 54.64
N ASP A 16 34.01 22.69 55.39
CA ASP A 16 34.85 23.11 56.51
C ASP A 16 36.02 23.85 55.89
N GLN A 17 36.80 23.09 55.12
CA GLN A 17 37.91 23.57 54.29
C GLN A 17 37.69 24.96 53.71
N LEU A 18 36.43 25.28 53.44
CA LEU A 18 36.06 26.50 52.76
C LEU A 18 35.91 27.68 53.71
N LEU A 19 35.16 27.48 54.79
CA LEU A 19 34.86 28.56 55.74
C LEU A 19 36.16 29.25 56.20
N GLN A 20 37.20 28.45 56.41
CA GLN A 20 38.52 28.95 56.79
C GLN A 20 39.32 29.44 55.58
N GLY A 21 38.69 30.31 54.77
CA GLY A 21 39.33 31.04 53.67
C GLY A 21 40.12 30.34 52.55
N HIS A 22 40.36 29.03 52.64
CA HIS A 22 41.13 28.30 51.62
C HIS A 22 40.37 28.03 50.35
N TYR A 23 41.08 27.96 49.22
CA TYR A 23 40.42 27.83 47.92
C TYR A 23 39.97 26.41 47.57
N ILE A 24 38.69 26.23 47.25
CA ILE A 24 38.21 24.94 46.67
C ILE A 24 37.73 25.10 45.23
N LYS A 25 38.07 24.12 44.38
CA LYS A 25 37.70 24.17 42.97
C LYS A 25 36.18 24.16 42.80
N GLY A 26 35.69 25.16 42.07
CA GLY A 26 34.27 25.33 41.84
C GLY A 26 33.66 26.47 42.65
N TYR A 27 34.30 26.84 43.76
CA TYR A 27 33.81 27.91 44.61
C TYR A 27 34.69 29.12 44.38
N PRO A 28 34.24 30.08 43.56
CA PRO A 28 35.09 31.23 43.17
C PRO A 28 35.54 32.01 44.39
N LYS A 29 36.79 32.50 44.36
CA LYS A 29 37.47 33.04 45.55
C LYS A 29 36.98 34.42 46.01
N GLN A 30 36.50 35.22 45.06
CA GLN A 30 36.12 36.61 45.34
C GLN A 30 34.88 36.79 46.23
N TYR A 31 34.12 35.73 46.46
CA TYR A 31 32.96 35.83 47.34
C TYR A 31 33.34 35.31 48.69
N THR A 32 32.73 35.83 49.75
CA THR A 32 33.07 35.29 51.07
C THR A 32 31.98 34.39 51.64
N TYR A 33 32.44 33.32 52.29
CA TYR A 33 31.62 32.17 52.64
C TYR A 33 31.45 31.98 54.16
N PHE A 34 30.46 32.65 54.75
CA PHE A 34 30.29 32.59 56.19
C PHE A 34 29.41 31.44 56.74
N LEU A 35 29.23 31.45 58.06
CA LEU A 35 28.33 30.53 58.78
C LEU A 35 27.27 31.35 59.52
N GLU A 36 26.09 30.76 59.72
CA GLU A 36 24.92 31.44 60.30
C GLU A 36 23.85 30.38 60.44
N ASP A 37 23.18 30.38 61.59
CA ASP A 37 22.10 29.42 61.87
C ASP A 37 22.54 27.97 61.67
N GLY A 38 23.85 27.77 61.63
CA GLY A 38 24.45 26.43 61.57
C GLY A 38 24.58 25.93 60.14
N LYS A 39 24.55 26.85 59.19
CA LYS A 39 24.59 26.50 57.77
C LYS A 39 25.59 27.40 57.07
N VAL A 40 26.34 26.85 56.12
CA VAL A 40 27.26 27.65 55.29
C VAL A 40 26.48 28.53 54.33
N LYS A 41 26.73 29.83 54.34
CA LYS A 41 26.06 30.70 53.37
C LYS A 41 27.07 31.43 52.51
N VAL A 42 26.59 32.16 51.52
CA VAL A 42 27.45 32.98 50.65
C VAL A 42 26.67 34.18 50.13
N SER A 43 27.39 35.29 50.01
CA SER A 43 26.81 36.52 49.51
C SER A 43 27.04 36.56 48.01
N ARG A 44 25.97 36.28 47.26
CA ARG A 44 26.03 36.35 45.82
C ARG A 44 25.30 37.59 45.34
N PRO A 45 25.65 38.10 44.14
CA PRO A 45 24.99 39.30 43.66
C PRO A 45 23.47 39.29 43.90
N GLU A 46 22.79 38.19 43.61
CA GLU A 46 21.33 38.11 43.76
C GLU A 46 20.89 38.20 45.23
N GLY A 47 21.78 37.81 46.14
CA GLY A 47 21.49 37.75 47.57
C GLY A 47 22.26 36.63 48.25
N VAL A 48 21.93 36.38 49.52
CA VAL A 48 22.59 35.34 50.32
C VAL A 48 21.90 34.00 50.06
N LYS A 49 22.69 32.96 49.77
CA LYS A 49 22.14 31.64 49.49
C LYS A 49 22.81 30.59 50.36
N ILE A 50 22.05 29.61 50.80
CA ILE A 50 22.64 28.48 51.50
C ILE A 50 23.48 27.59 50.55
N ILE A 51 24.61 27.10 51.03
CA ILE A 51 25.38 26.18 50.24
C ILE A 51 25.29 24.85 50.92
N PRO A 52 24.34 24.01 50.50
CA PRO A 52 24.27 22.71 51.16
C PRO A 52 25.50 21.86 50.86
N PRO A 53 25.85 20.95 51.79
CA PRO A 53 26.81 19.88 51.59
C PRO A 53 26.44 19.03 50.40
N GLN A 54 27.45 18.51 49.71
CA GLN A 54 27.20 17.70 48.52
C GLN A 54 26.25 16.54 48.80
N SER A 55 26.32 15.99 50.00
CA SER A 55 25.52 14.82 50.37
C SER A 55 24.04 15.16 50.50
N ASP A 56 23.69 16.43 50.36
CA ASP A 56 22.33 16.91 50.48
C ASP A 56 21.68 17.29 49.15
N ARG A 57 22.53 17.58 48.17
CA ARG A 57 22.12 18.19 46.92
C ARG A 57 21.21 17.31 46.06
N GLN A 58 21.48 16.01 46.02
CA GLN A 58 20.60 15.14 45.28
C GLN A 58 19.17 15.33 45.77
N LYS A 59 18.97 15.23 47.08
CA LYS A 59 17.64 15.29 47.72
C LYS A 59 16.91 16.59 47.40
N ILE A 60 17.67 17.68 47.39
CA ILE A 60 17.14 19.00 47.13
C ILE A 60 16.63 19.11 45.70
N VAL A 61 17.52 18.85 44.73
CA VAL A 61 17.18 18.83 43.31
C VAL A 61 15.92 17.99 43.10
N LEU A 62 15.82 16.90 43.83
CA LEU A 62 14.69 16.02 43.70
C LEU A 62 13.41 16.65 44.24
N GLN A 63 13.49 17.28 45.41
CA GLN A 63 12.32 17.88 46.01
C GLN A 63 11.79 18.99 45.12
N ALA A 64 12.71 19.80 44.60
CA ALA A 64 12.36 20.89 43.74
C ALA A 64 11.71 20.33 42.47
N HIS A 65 12.39 19.37 41.82
CA HIS A 65 11.83 18.80 40.60
C HIS A 65 10.45 18.22 40.80
N ASN A 66 10.21 17.59 41.93
CA ASN A 66 8.99 16.85 42.15
C ASN A 66 7.76 17.68 42.37
N LEU A 67 7.95 18.95 42.64
CA LEU A 67 6.84 19.85 42.93
C LEU A 67 5.84 19.84 41.80
N ALA A 68 6.33 20.01 40.57
CA ALA A 68 5.47 19.95 39.39
C ALA A 68 6.13 19.18 38.23
N HIS A 69 7.14 18.38 38.56
CA HIS A 69 7.88 17.59 37.57
C HIS A 69 8.36 18.41 36.44
N THR A 70 8.94 19.56 36.79
CA THR A 70 9.40 20.59 35.85
C THR A 70 10.74 20.26 35.20
N GLY A 71 10.93 20.80 34.00
CA GLY A 71 12.19 20.66 33.26
C GLY A 71 13.34 21.50 33.83
N ARG A 72 14.40 21.68 33.04
CA ARG A 72 15.65 22.26 33.53
C ARG A 72 15.57 23.63 34.20
N GLU A 73 15.23 24.68 33.45
CA GLU A 73 15.11 26.03 34.01
C GLU A 73 14.06 26.18 35.12
N ALA A 74 12.86 25.63 34.93
CA ALA A 74 11.85 25.84 35.93
C ALA A 74 12.27 25.15 37.23
N THR A 75 12.95 24.01 37.13
CA THR A 75 13.51 23.38 38.34
C THR A 75 14.63 24.23 38.94
N LEU A 76 15.57 24.67 38.10
CA LEU A 76 16.66 25.47 38.62
C LEU A 76 16.16 26.69 39.43
N LEU A 77 15.16 27.38 38.87
CA LEU A 77 14.66 28.59 39.46
C LEU A 77 14.11 28.39 40.86
N LYS A 78 13.54 27.23 41.13
CA LYS A 78 13.08 26.95 42.50
C LYS A 78 14.25 26.79 43.44
N ILE A 79 15.25 26.02 43.03
CA ILE A 79 16.41 25.80 43.87
C ILE A 79 17.13 27.13 44.13
N ALA A 80 17.37 27.90 43.07
CA ALA A 80 18.13 29.15 43.20
C ALA A 80 17.47 30.10 44.20
N ASN A 81 16.21 29.84 44.52
CA ASN A 81 15.54 30.66 45.52
C ASN A 81 16.20 30.58 46.89
N LEU A 82 16.68 29.40 47.24
CA LEU A 82 17.33 29.18 48.52
C LEU A 82 18.82 28.87 48.39
N TYR A 83 19.21 28.11 47.38
CA TYR A 83 20.56 27.61 47.35
C TYR A 83 21.45 28.16 46.26
N TRP A 84 22.75 27.95 46.47
CA TRP A 84 23.77 28.05 45.45
C TRP A 84 24.79 26.97 45.67
N TRP A 85 25.31 26.42 44.58
CA TRP A 85 26.50 25.57 44.64
C TRP A 85 27.12 25.48 43.26
N PRO A 86 28.29 24.83 43.11
CA PRO A 86 28.92 24.82 41.78
C PRO A 86 28.16 23.94 40.83
N ASN A 87 27.94 24.45 39.61
CA ASN A 87 27.32 23.74 38.49
C ASN A 87 25.97 23.10 38.84
N MET A 88 25.04 23.91 39.31
CA MET A 88 23.74 23.42 39.71
C MET A 88 23.00 22.71 38.60
N ARG A 89 22.98 23.31 37.42
CA ARG A 89 22.24 22.69 36.33
C ARG A 89 22.72 21.28 36.01
N LYS A 90 24.00 20.97 36.27
CA LYS A 90 24.49 19.62 35.98
C LYS A 90 23.71 18.62 36.82
N ASP A 91 23.57 18.94 38.11
CA ASP A 91 22.84 18.09 39.02
C ASP A 91 21.37 18.04 38.68
N VAL A 92 20.84 19.16 38.18
CA VAL A 92 19.44 19.23 37.81
C VAL A 92 19.20 18.29 36.64
N VAL A 93 20.03 18.42 35.61
CA VAL A 93 19.92 17.57 34.44
C VAL A 93 20.12 16.08 34.81
N LYS A 94 21.07 15.78 35.68
CA LYS A 94 21.25 14.41 36.18
C LYS A 94 19.93 13.82 36.69
N GLN A 95 19.15 14.61 37.42
CA GLN A 95 17.87 14.14 37.93
C GLN A 95 16.81 13.96 36.86
N LEU A 96 16.72 14.94 35.94
CA LEU A 96 15.74 14.90 34.86
C LEU A 96 15.87 13.61 34.07
N GLY A 97 17.10 13.31 33.64
CA GLY A 97 17.44 12.06 32.97
C GLY A 97 17.13 10.78 33.75
N ARG A 98 16.98 10.87 35.07
CA ARG A 98 16.60 9.71 35.88
C ARG A 98 15.12 9.68 36.27
N CYS A 99 14.35 10.70 35.90
CA CYS A 99 12.95 10.73 36.32
C CYS A 99 12.05 9.92 35.34
N GLN A 100 11.74 8.70 35.73
CA GLN A 100 10.97 7.83 34.86
C GLN A 100 9.76 8.57 34.34
N GLN A 101 9.04 9.23 35.24
CA GLN A 101 7.74 9.82 34.95
C GLN A 101 7.82 10.95 33.93
N CYS A 102 8.80 11.84 34.11
CA CYS A 102 9.08 12.85 33.07
C CYS A 102 9.47 12.27 31.72
N LEU A 103 10.29 11.21 31.70
CA LEU A 103 10.79 10.66 30.44
C LEU A 103 9.71 10.04 29.56
N ILE A 104 8.69 9.48 30.18
CA ILE A 104 7.71 8.75 29.42
C ILE A 104 6.47 9.60 29.22
N THR A 105 6.36 10.73 29.93
CA THR A 105 5.22 11.62 29.73
C THR A 105 5.51 12.85 28.87
N ASN A 106 6.64 13.53 29.05
CA ASN A 106 6.93 14.72 28.24
C ASN A 106 6.90 14.50 26.72
N ALA A 107 6.70 15.59 25.99
CA ALA A 107 6.70 15.53 24.55
C ALA A 107 8.14 15.68 24.08
N SER A 108 8.45 15.26 22.86
CA SER A 108 9.74 15.57 22.27
C SER A 108 9.77 17.01 21.86
N ASN A 109 10.94 17.60 21.69
CA ASN A 109 11.02 18.90 21.06
C ASN A 109 12.08 18.86 19.98
N LYS A 110 12.24 17.68 19.39
CA LYS A 110 13.13 17.46 18.23
C LYS A 110 12.36 16.74 17.12
N ALA A 111 12.36 17.29 15.92
CA ALA A 111 11.60 16.77 14.80
C ALA A 111 12.30 15.56 14.20
N SER A 112 11.53 14.67 13.59
CA SER A 112 12.09 13.62 12.75
C SER A 112 12.95 14.18 11.61
N GLY A 113 13.92 13.39 11.14
CA GLY A 113 14.74 13.83 10.00
C GLY A 113 13.87 13.82 8.74
N PRO A 114 14.38 14.42 7.64
CA PRO A 114 13.58 14.57 6.42
C PRO A 114 13.16 13.23 5.79
N ILE A 115 11.95 13.17 5.26
CA ILE A 115 11.40 11.93 4.67
C ILE A 115 12.22 11.40 3.49
N LEU A 116 12.20 10.08 3.33
CA LEU A 116 12.76 9.41 2.16
C LEU A 116 11.73 9.47 1.04
N ARG A 117 12.21 9.68 -0.17
CA ARG A 117 11.36 9.52 -1.32
C ARG A 117 11.76 8.24 -2.08
N PRO A 118 11.26 7.07 -1.66
CA PRO A 118 11.74 5.79 -2.25
C PRO A 118 11.58 5.78 -3.74
N ASP A 119 12.48 5.11 -4.47
CA ASP A 119 12.39 4.97 -5.92
C ASP A 119 11.05 4.40 -6.38
N ARG A 120 10.54 4.89 -7.51
CA ARG A 120 9.28 4.37 -8.06
C ARG A 120 9.57 2.97 -8.56
N PRO A 121 8.71 1.99 -8.20
CA PRO A 121 8.85 0.64 -8.76
C PRO A 121 9.12 0.72 -10.25
N GLN A 122 10.02 -0.13 -10.74
CA GLN A 122 10.37 -0.09 -12.15
C GLN A 122 9.29 -0.53 -13.16
N LYS A 123 8.51 -1.54 -12.83
CA LYS A 123 7.54 -2.06 -13.74
C LYS A 123 6.16 -2.18 -13.14
N PRO A 124 5.13 -2.09 -13.98
CA PRO A 124 3.81 -2.46 -13.50
C PRO A 124 3.93 -3.84 -12.94
N PHE A 125 3.26 -4.07 -11.82
CA PHE A 125 3.21 -5.37 -11.11
C PHE A 125 4.41 -5.73 -10.25
N ASP A 126 5.43 -4.86 -10.24
CA ASP A 126 6.57 -4.99 -9.34
C ASP A 126 6.12 -4.91 -7.88
N LYS A 127 5.33 -3.88 -7.58
CA LYS A 127 4.81 -3.67 -6.22
C LYS A 127 3.36 -3.19 -6.20
N PHE A 128 2.54 -3.85 -5.41
CA PHE A 128 1.20 -3.34 -5.11
C PHE A 128 1.21 -2.71 -3.74
N PHE A 129 0.39 -1.67 -3.56
CA PHE A 129 0.09 -1.14 -2.22
C PHE A 129 -1.40 -1.35 -2.04
N ILE A 130 -1.76 -2.02 -0.94
CA ILE A 130 -3.15 -2.32 -0.67
C ILE A 130 -3.56 -1.83 0.71
N ASP A 131 -4.85 -1.54 0.89
CA ASP A 131 -5.36 -0.91 2.12
C ASP A 131 -6.89 -0.90 2.11
N TYR A 132 -7.52 -0.80 3.26
CA TYR A 132 -8.96 -0.64 3.28
C TYR A 132 -9.34 0.78 3.60
N ILE A 133 -10.47 1.21 3.02
CA ILE A 133 -11.19 2.43 3.35
C ILE A 133 -12.48 2.02 4.08
N GLY A 134 -12.83 2.73 5.15
CA GLY A 134 -14.14 2.54 5.79
C GLY A 134 -14.06 2.37 7.29
N PRO A 135 -15.20 2.15 7.95
CA PRO A 135 -16.56 1.93 7.39
C PRO A 135 -17.18 3.15 6.73
N LEU A 136 -17.98 2.89 5.70
CA LEU A 136 -18.74 3.88 4.97
C LEU A 136 -20.25 3.70 5.21
N PRO A 137 -21.06 4.72 4.89
CA PRO A 137 -22.48 4.44 4.95
C PRO A 137 -22.83 3.10 4.22
N PRO A 138 -23.61 2.22 4.87
CA PRO A 138 -23.93 0.96 4.21
C PRO A 138 -24.51 1.20 2.83
N SER A 139 -23.94 0.55 1.84
CA SER A 139 -24.46 0.58 0.49
C SER A 139 -24.55 -0.88 0.07
N GLN A 140 -25.76 -1.34 -0.25
CA GLN A 140 -26.00 -2.77 -0.54
C GLN A 140 -25.32 -3.71 0.48
N GLY A 141 -25.33 -3.33 1.73
CA GLY A 141 -24.77 -4.19 2.76
C GLY A 141 -23.26 -4.23 2.74
N TYR A 142 -22.65 -3.37 1.93
CA TYR A 142 -21.19 -3.23 1.91
C TYR A 142 -20.73 -2.04 2.75
N LEU A 143 -19.62 -2.22 3.46
CA LEU A 143 -19.11 -1.16 4.30
C LEU A 143 -17.68 -0.72 4.00
N TYR A 144 -16.89 -1.54 3.32
CA TYR A 144 -15.50 -1.14 3.06
C TYR A 144 -15.14 -1.22 1.58
N VAL A 145 -13.94 -0.75 1.26
CA VAL A 145 -13.42 -0.83 -0.09
C VAL A 145 -11.97 -1.28 -0.03
N LEU A 146 -11.67 -2.35 -0.77
CA LEU A 146 -10.30 -2.77 -0.91
C LEU A 146 -9.70 -1.90 -2.00
N VAL A 147 -8.60 -1.23 -1.67
CA VAL A 147 -7.92 -0.44 -2.66
C VAL A 147 -6.54 -1.01 -2.92
N VAL A 148 -6.33 -1.36 -4.19
CA VAL A 148 -5.09 -1.90 -4.68
C VAL A 148 -4.47 -0.94 -5.67
N VAL A 149 -3.24 -0.47 -5.42
CA VAL A 149 -2.63 0.52 -6.30
C VAL A 149 -1.30 0.03 -6.81
N ASP A 150 -1.17 -0.05 -8.13
CA ASP A 150 0.11 -0.42 -8.70
C ASP A 150 1.13 0.69 -8.45
N GLY A 151 2.26 0.34 -7.86
CA GLY A 151 3.26 1.32 -7.46
C GLY A 151 3.80 2.13 -8.62
N MET A 152 4.13 1.42 -9.70
CA MET A 152 4.78 2.05 -10.84
C MET A 152 3.81 2.96 -11.58
N THR A 153 2.59 2.48 -11.80
CA THR A 153 1.65 3.18 -12.67
C THR A 153 0.62 4.02 -11.95
N GLY A 154 0.23 3.59 -10.75
CA GLY A 154 -0.83 4.25 -10.03
C GLY A 154 -2.16 3.64 -10.44
N PHE A 155 -2.13 2.71 -11.39
CA PHE A 155 -3.35 2.04 -11.79
C PHE A 155 -3.96 1.37 -10.54
N THR A 156 -5.26 1.57 -10.35
CA THR A 156 -5.96 1.28 -9.10
C THR A 156 -7.18 0.39 -9.30
N TRP A 157 -7.31 -0.63 -8.46
CA TRP A 157 -8.49 -1.49 -8.50
C TRP A 157 -9.25 -1.29 -7.25
N LEU A 158 -10.58 -1.38 -7.36
CA LEU A 158 -11.48 -1.20 -6.23
C LEU A 158 -12.43 -2.40 -6.08
N TYR A 159 -12.62 -2.88 -4.85
CA TYR A 159 -13.50 -4.02 -4.57
C TYR A 159 -14.30 -3.71 -3.30
N PRO A 160 -15.65 -3.72 -3.40
CA PRO A 160 -16.44 -3.41 -2.22
C PRO A 160 -16.53 -4.62 -1.31
N THR A 161 -16.27 -4.46 -0.02
CA THR A 161 -16.37 -5.59 0.90
C THR A 161 -17.31 -5.35 2.09
N LYS A 162 -17.64 -6.42 2.80
CA LYS A 162 -18.45 -6.33 4.01
C LYS A 162 -17.60 -6.18 5.26
N ALA A 163 -16.31 -6.53 5.19
CA ALA A 163 -15.36 -6.27 6.29
C ALA A 163 -13.92 -6.12 5.80
N PRO A 164 -13.04 -5.47 6.59
CA PRO A 164 -11.65 -5.47 6.17
C PRO A 164 -11.00 -6.76 6.60
N SER A 165 -11.52 -7.89 6.11
CA SER A 165 -11.09 -9.24 6.49
C SER A 165 -10.15 -9.91 5.50
N THR A 166 -9.37 -10.87 5.99
CA THR A 166 -8.53 -11.72 5.15
C THR A 166 -9.40 -12.40 4.09
N SER A 167 -10.48 -13.02 4.54
CA SER A 167 -11.32 -13.76 3.61
C SER A 167 -11.73 -12.90 2.38
N ALA A 168 -12.13 -11.65 2.61
CA ALA A 168 -12.56 -10.78 1.51
C ALA A 168 -11.38 -10.31 0.70
N THR A 169 -10.22 -10.19 1.36
CA THR A 169 -9.04 -9.73 0.65
C THR A 169 -8.62 -10.77 -0.39
N VAL A 170 -8.64 -12.02 0.05
CA VAL A 170 -8.32 -13.12 -0.81
C VAL A 170 -9.34 -13.21 -1.96
N LYS A 171 -10.64 -13.11 -1.68
CA LYS A 171 -11.64 -13.11 -2.74
C LYS A 171 -11.31 -12.08 -3.84
N SER A 172 -11.13 -10.83 -3.44
CA SER A 172 -10.81 -9.75 -4.38
C SER A 172 -9.48 -9.99 -5.11
N LEU A 173 -8.43 -10.32 -4.35
CA LEU A 173 -7.14 -10.54 -4.98
C LEU A 173 -7.05 -11.76 -5.91
N ASN A 174 -7.92 -12.75 -5.75
CA ASN A 174 -7.93 -13.82 -6.74
C ASN A 174 -8.41 -13.28 -8.04
N VAL A 175 -9.46 -12.44 -7.98
CA VAL A 175 -9.99 -11.84 -9.19
C VAL A 175 -8.96 -10.89 -9.82
N LEU A 176 -8.24 -10.10 -9.03
CA LEU A 176 -7.30 -9.16 -9.62
C LEU A 176 -6.17 -9.91 -10.28
N THR A 177 -5.63 -10.90 -9.57
CA THR A 177 -4.41 -11.55 -10.03
C THR A 177 -4.64 -12.51 -11.20
N SER A 178 -5.88 -12.61 -11.66
CA SER A 178 -6.17 -13.22 -12.96
C SER A 178 -5.52 -12.42 -14.05
N ILE A 179 -5.23 -11.15 -13.80
CA ILE A 179 -4.69 -10.32 -14.85
C ILE A 179 -3.18 -10.53 -14.86
N ALA A 180 -2.58 -10.46 -13.67
CA ALA A 180 -1.15 -10.58 -13.51
C ALA A 180 -0.90 -10.86 -12.05
N ILE A 181 0.24 -11.46 -11.75
CA ILE A 181 0.67 -11.68 -10.37
C ILE A 181 1.78 -10.69 -10.08
N PRO A 182 1.71 -10.00 -8.92
CA PRO A 182 2.70 -8.97 -8.63
C PRO A 182 3.88 -9.55 -7.85
N LYS A 183 5.05 -8.93 -7.96
CA LYS A 183 6.20 -9.47 -7.21
C LYS A 183 5.95 -9.36 -5.71
N VAL A 184 5.49 -8.18 -5.30
CA VAL A 184 5.41 -7.78 -3.90
C VAL A 184 4.10 -7.02 -3.66
N ILE A 185 3.51 -7.24 -2.50
CA ILE A 185 2.33 -6.52 -2.04
C ILE A 185 2.70 -5.88 -0.70
N HIS A 186 2.76 -4.54 -0.68
CA HIS A 186 3.03 -3.79 0.54
C HIS A 186 1.75 -3.41 1.19
N SER A 187 1.70 -3.51 2.51
CA SER A 187 0.53 -3.10 3.26
C SER A 187 0.86 -2.67 4.68
N ASP A 188 -0.09 -1.99 5.33
CA ASP A 188 0.03 -1.71 6.76
C ASP A 188 -0.20 -3.01 7.53
N GLN A 189 -0.02 -2.94 8.84
CA GLN A 189 -0.20 -4.11 9.68
C GLN A 189 -1.63 -4.36 10.12
N GLY A 190 -2.60 -3.98 9.30
CA GLY A 190 -4.00 -4.31 9.59
C GLY A 190 -4.26 -5.79 9.78
N ALA A 191 -5.24 -6.14 10.62
CA ALA A 191 -5.52 -7.56 10.88
C ALA A 191 -5.62 -8.41 9.59
N ALA A 192 -6.24 -7.87 8.54
CA ALA A 192 -6.47 -8.61 7.30
C ALA A 192 -5.22 -9.11 6.61
N PHE A 193 -4.13 -8.37 6.78
CA PHE A 193 -2.95 -8.61 5.97
C PHE A 193 -1.86 -9.39 6.71
N THR A 194 -2.03 -9.46 8.03
CA THR A 194 -1.00 -10.02 8.91
C THR A 194 -1.40 -11.41 9.35
N SER A 195 -2.63 -11.80 9.02
CA SER A 195 -3.10 -13.16 9.28
C SER A 195 -2.23 -14.15 8.52
N SER A 196 -2.09 -15.35 9.09
CA SER A 196 -1.27 -16.38 8.50
C SER A 196 -1.99 -16.99 7.31
N THR A 197 -3.32 -16.88 7.26
CA THR A 197 -4.01 -17.28 6.05
C THR A 197 -3.57 -16.44 4.86
N PHE A 198 -3.50 -15.13 5.04
CA PHE A 198 -3.06 -14.29 3.96
C PHE A 198 -1.61 -14.64 3.61
N ALA A 199 -0.80 -14.94 4.63
CA ALA A 199 0.59 -15.34 4.40
C ALA A 199 0.69 -16.54 3.44
N GLU A 200 -0.13 -17.55 3.69
CA GLU A 200 -0.18 -18.78 2.88
C GLU A 200 -0.60 -18.45 1.49
N TRP A 201 -1.60 -17.59 1.40
CA TRP A 201 -2.19 -17.24 0.15
C TRP A 201 -1.13 -16.67 -0.74
N ALA A 202 -0.22 -15.89 -0.15
CA ALA A 202 0.79 -15.19 -0.92
C ALA A 202 1.94 -16.10 -1.34
N LYS A 203 2.39 -16.93 -0.39
CA LYS A 203 3.46 -17.89 -0.66
C LYS A 203 3.00 -18.85 -1.76
N GLU A 204 1.79 -19.39 -1.61
CA GLU A 204 1.15 -20.14 -2.67
C GLU A 204 1.39 -19.56 -4.08
N ARG A 205 1.63 -18.25 -4.20
CA ARG A 205 1.73 -17.62 -5.51
C ARG A 205 3.04 -16.93 -5.77
N GLY A 206 4.00 -17.13 -4.87
CA GLY A 206 5.32 -16.55 -5.06
C GLY A 206 5.31 -15.05 -4.92
N ILE A 207 4.26 -14.51 -4.27
CA ILE A 207 4.15 -13.08 -3.92
C ILE A 207 4.82 -12.79 -2.57
N HIS A 208 5.65 -11.76 -2.54
CA HIS A 208 6.31 -11.39 -1.29
C HIS A 208 5.51 -10.34 -0.53
N LEU A 209 5.21 -10.61 0.74
CA LEU A 209 4.48 -9.67 1.59
C LEU A 209 5.41 -8.68 2.27
N GLU A 210 5.13 -7.39 2.05
CA GLU A 210 5.91 -6.30 2.61
C GLU A 210 5.00 -5.49 3.53
N PHE A 211 5.50 -5.20 4.74
CA PHE A 211 4.72 -4.46 5.72
C PHE A 211 5.31 -3.12 6.16
N SER A 212 4.45 -2.10 6.27
CA SER A 212 4.85 -0.83 6.84
C SER A 212 5.27 -1.06 8.28
N THR A 213 6.17 -0.22 8.77
CA THR A 213 6.40 -0.14 10.23
C THR A 213 5.05 0.15 10.91
N PRO A 214 4.92 -0.13 12.22
CA PRO A 214 3.55 0.03 12.74
C PRO A 214 3.14 1.46 13.04
N TYR A 215 1.83 1.70 12.92
CA TYR A 215 1.22 3.03 12.99
C TYR A 215 1.98 4.11 12.20
N HIS A 216 2.12 3.88 10.90
CA HIS A 216 2.83 4.84 10.04
C HIS A 216 2.30 4.75 8.65
N PRO A 217 1.08 5.29 8.44
CA PRO A 217 0.43 5.15 7.14
C PRO A 217 1.13 5.90 6.00
N GLN A 218 1.94 6.91 6.31
CA GLN A 218 2.82 7.51 5.32
C GLN A 218 3.57 6.44 4.52
N SER A 219 3.82 5.30 5.18
CA SER A 219 4.58 4.21 4.57
C SER A 219 3.81 3.54 3.43
N SER A 220 2.48 3.53 3.55
CA SER A 220 1.60 3.17 2.44
C SER A 220 1.11 4.40 1.64
N GLY A 221 1.86 5.50 1.74
CA GLY A 221 1.45 6.75 1.11
C GLY A 221 0.88 6.66 -0.31
N LYS A 222 1.39 5.72 -1.11
CA LYS A 222 0.92 5.51 -2.46
C LYS A 222 -0.57 5.24 -2.50
N VAL A 223 -1.04 4.24 -1.75
CA VAL A 223 -2.46 3.90 -1.72
C VAL A 223 -3.20 4.90 -0.84
N GLU A 224 -2.55 5.36 0.23
CA GLU A 224 -3.26 6.24 1.14
C GLU A 224 -3.72 7.40 0.34
N ARG A 225 -2.77 7.98 -0.40
CA ARG A 225 -3.01 9.17 -1.18
C ARG A 225 -4.10 8.93 -2.19
N LYS A 226 -4.16 7.72 -2.71
CA LYS A 226 -5.17 7.42 -3.70
C LYS A 226 -6.56 7.30 -3.04
N ASN A 227 -6.61 6.77 -1.83
CA ASN A 227 -7.83 6.77 -1.04
C ASN A 227 -8.46 8.17 -0.99
N SER A 228 -7.63 9.19 -0.76
CA SER A 228 -8.11 10.55 -0.80
C SER A 228 -8.82 10.86 -2.11
N ASP A 229 -8.15 10.69 -3.24
CA ASP A 229 -8.83 10.91 -4.51
C ASP A 229 -10.18 10.16 -4.65
N ILE A 230 -10.23 8.93 -4.15
CA ILE A 230 -11.39 8.07 -4.28
C ILE A 230 -12.53 8.68 -3.47
N LYS A 231 -12.26 9.03 -2.21
CA LYS A 231 -13.28 9.63 -1.35
C LYS A 231 -13.74 10.96 -1.91
N ARG A 232 -12.77 11.76 -2.40
CA ARG A 232 -13.05 13.08 -2.93
C ARG A 232 -14.00 12.94 -4.11
N LEU A 233 -13.69 12.06 -5.04
CA LEU A 233 -14.52 11.92 -6.24
C LEU A 233 -15.92 11.35 -5.90
N LEU A 234 -15.97 10.36 -5.01
CA LEU A 234 -17.25 9.82 -4.55
C LEU A 234 -18.13 10.89 -3.95
N THR A 235 -17.49 11.81 -3.22
CA THR A 235 -18.21 12.84 -2.52
C THR A 235 -18.91 13.75 -3.51
N LYS A 236 -18.17 14.22 -4.52
CA LYS A 236 -18.70 15.12 -5.52
C LYS A 236 -19.82 14.42 -6.26
N LEU A 237 -19.64 13.14 -6.53
CA LEU A 237 -20.64 12.41 -7.28
C LEU A 237 -21.90 12.18 -6.45
N LEU A 238 -21.77 12.23 -5.13
CA LEU A 238 -22.93 11.98 -4.30
C LEU A 238 -23.57 13.28 -3.74
N VAL A 239 -23.05 14.45 -4.12
CA VAL A 239 -23.58 15.73 -3.63
C VAL A 239 -25.09 15.76 -3.82
N GLY A 240 -25.82 16.01 -2.73
CA GLY A 240 -27.27 16.00 -2.74
C GLY A 240 -27.98 14.73 -3.19
N ARG A 241 -27.33 13.57 -3.15
CA ARG A 241 -28.06 12.30 -3.28
C ARG A 241 -27.76 11.47 -2.05
N PRO A 242 -28.62 10.49 -1.75
CA PRO A 242 -28.23 9.53 -0.71
C PRO A 242 -26.89 8.85 -1.07
N THR A 243 -26.06 8.64 -0.05
CA THR A 243 -24.70 8.13 -0.23
C THR A 243 -24.70 6.67 -0.65
N LYS A 244 -25.15 6.44 -1.88
CA LYS A 244 -25.22 5.13 -2.48
C LYS A 244 -23.96 4.94 -3.36
N TRP A 245 -22.85 4.60 -2.71
CA TRP A 245 -21.53 4.50 -3.35
C TRP A 245 -21.18 3.19 -4.00
N TYR A 246 -21.86 2.11 -3.62
CA TYR A 246 -21.58 0.81 -4.22
C TYR A 246 -21.56 0.86 -5.74
N ASP A 247 -22.61 1.42 -6.32
CA ASP A 247 -22.73 1.45 -7.76
C ASP A 247 -21.74 2.40 -8.43
N LEU A 248 -20.99 3.17 -7.66
CA LEU A 248 -20.12 4.12 -8.31
C LEU A 248 -18.67 3.65 -8.30
N LEU A 249 -18.34 2.64 -7.50
CA LEU A 249 -16.95 2.18 -7.48
C LEU A 249 -16.42 2.02 -8.90
N PRO A 250 -17.13 1.24 -9.75
CA PRO A 250 -16.64 1.03 -11.13
C PRO A 250 -16.38 2.35 -11.87
N VAL A 251 -17.29 3.29 -11.76
CA VAL A 251 -17.13 4.60 -12.38
C VAL A 251 -15.91 5.32 -11.80
N VAL A 252 -15.81 5.37 -10.48
CA VAL A 252 -14.67 6.04 -9.87
C VAL A 252 -13.35 5.39 -10.33
N GLN A 253 -13.30 4.07 -10.30
CA GLN A 253 -12.11 3.36 -10.79
C GLN A 253 -11.71 3.87 -12.18
N LEU A 254 -12.61 3.70 -13.13
CA LEU A 254 -12.33 4.07 -14.50
C LEU A 254 -11.96 5.55 -14.60
N ALA A 255 -12.69 6.39 -13.88
CA ALA A 255 -12.45 7.83 -13.90
C ALA A 255 -11.02 8.15 -13.50
N LEU A 256 -10.58 7.61 -12.37
CA LEU A 256 -9.27 7.96 -11.82
C LEU A 256 -8.12 7.31 -12.58
N ASN A 257 -8.33 6.13 -13.14
CA ASN A 257 -7.30 5.41 -13.83
C ASN A 257 -7.03 6.13 -15.11
N ASN A 258 -7.98 6.96 -15.54
CA ASN A 258 -7.82 7.69 -16.79
C ASN A 258 -7.62 9.20 -16.61
N THR A 259 -7.19 9.61 -15.43
CA THR A 259 -7.00 11.03 -15.09
C THR A 259 -5.52 11.38 -15.11
N TYR A 260 -5.18 12.57 -15.62
CA TYR A 260 -3.79 12.97 -15.81
C TYR A 260 -3.16 13.40 -14.50
N SER A 261 -1.90 13.03 -14.29
CA SER A 261 -1.15 13.60 -13.19
C SER A 261 -0.41 14.75 -13.81
N PRO A 262 -0.77 16.00 -13.40
CA PRO A 262 -0.17 17.14 -14.07
C PRO A 262 1.36 17.13 -14.06
N VAL A 263 1.97 16.52 -13.06
CA VAL A 263 3.44 16.55 -13.02
C VAL A 263 4.03 15.53 -13.97
N LEU A 264 3.38 14.38 -14.09
CA LEU A 264 3.87 13.32 -14.95
C LEU A 264 3.51 13.57 -16.40
N LYS A 265 2.34 14.19 -16.62
CA LYS A 265 1.69 14.29 -17.95
C LYS A 265 1.21 12.96 -18.53
N TYR A 266 0.77 12.06 -17.66
CA TYR A 266 0.30 10.75 -18.07
C TYR A 266 -0.81 10.28 -17.14
N THR A 267 -1.61 9.34 -17.60
CA THR A 267 -2.66 8.81 -16.75
C THR A 267 -2.25 7.43 -16.36
N PRO A 268 -2.70 6.94 -15.22
CA PRO A 268 -2.20 5.60 -14.85
C PRO A 268 -2.48 4.56 -15.95
N HIS A 269 -3.58 4.73 -16.68
CA HIS A 269 -3.94 3.84 -17.77
C HIS A 269 -2.90 3.89 -18.87
N GLN A 270 -2.37 5.08 -19.14
CA GLN A 270 -1.33 5.22 -20.16
C GLN A 270 -0.03 4.57 -19.71
N LEU A 271 0.45 4.92 -18.53
CA LEU A 271 1.60 4.22 -18.00
C LEU A 271 1.37 2.70 -17.90
N LEU A 272 0.13 2.24 -17.75
CA LEU A 272 -0.04 0.79 -17.73
C LEU A 272 -0.06 0.09 -19.10
N PHE A 273 -0.66 0.75 -20.11
CA PHE A 273 -0.87 0.14 -21.43
C PHE A 273 -0.14 0.83 -22.61
N GLY A 274 0.30 2.08 -22.42
CA GLY A 274 0.91 2.82 -23.52
C GLY A 274 -0.10 3.29 -24.56
N ILE A 275 -1.37 2.98 -24.36
CA ILE A 275 -2.41 3.47 -25.26
C ILE A 275 -3.75 3.66 -24.54
N ASP A 276 -4.45 4.75 -24.83
CA ASP A 276 -5.76 5.00 -24.23
C ASP A 276 -6.78 4.00 -24.75
N SER A 277 -7.74 3.58 -23.95
CA SER A 277 -8.79 2.74 -24.51
C SER A 277 -9.94 3.63 -24.99
N ASN A 278 -11.08 3.05 -25.33
CA ASN A 278 -12.18 3.83 -25.89
C ASN A 278 -12.91 4.59 -24.77
N THR A 279 -12.25 5.59 -24.22
CA THR A 279 -12.82 6.40 -23.16
C THR A 279 -12.89 7.82 -23.71
N PRO A 280 -13.65 8.71 -23.06
CA PRO A 280 -13.73 10.03 -23.66
C PRO A 280 -12.38 10.72 -23.70
N PHE A 281 -12.16 11.53 -24.73
CA PHE A 281 -10.94 12.31 -24.87
C PHE A 281 -9.66 11.48 -24.99
N ALA A 282 -9.77 10.29 -25.59
CA ALA A 282 -8.58 9.42 -25.74
C ALA A 282 -7.45 10.06 -26.57
N ASN A 283 -6.23 9.91 -26.09
CA ASN A 283 -5.08 10.48 -26.77
C ASN A 283 -4.77 9.65 -28.01
N GLN A 284 -4.50 10.34 -29.12
CA GLN A 284 -4.41 9.69 -30.44
C GLN A 284 -3.03 9.78 -31.04
N ASP A 285 -2.14 10.49 -30.35
CA ASP A 285 -0.74 10.67 -30.74
C ASP A 285 0.07 9.46 -31.26
N THR A 286 -0.27 8.22 -30.91
CA THR A 286 0.53 7.11 -31.42
C THR A 286 -0.22 6.26 -32.44
N LEU A 287 -1.16 6.93 -33.12
CA LEU A 287 -2.05 6.24 -34.03
C LEU A 287 -1.29 5.61 -35.18
N ASP A 288 -0.13 6.19 -35.49
CA ASP A 288 0.66 5.74 -36.64
C ASP A 288 1.80 4.81 -36.28
N LEU A 289 2.11 4.68 -35.01
CA LEU A 289 3.15 3.75 -34.60
C LEU A 289 2.56 2.35 -34.58
N THR A 290 3.41 1.35 -34.79
CA THR A 290 3.01 -0.02 -34.57
C THR A 290 3.00 -0.25 -33.06
N ARG A 291 2.29 -1.29 -32.63
CA ARG A 291 2.22 -1.56 -31.22
C ARG A 291 3.63 -1.62 -30.65
N GLU A 292 4.58 -2.16 -31.43
CA GLU A 292 5.93 -2.33 -30.94
C GLU A 292 6.61 -0.99 -30.81
N GLU A 293 6.58 -0.17 -31.86
CA GLU A 293 7.08 1.18 -31.70
C GLU A 293 6.40 1.87 -30.51
N GLU A 294 5.11 1.62 -30.34
CA GLU A 294 4.38 2.15 -29.20
C GLU A 294 4.93 1.67 -27.83
N LEU A 295 5.11 0.36 -27.67
CA LEU A 295 5.62 -0.25 -26.44
C LEU A 295 7.05 0.20 -26.16
N SER A 296 7.72 0.69 -27.19
CA SER A 296 9.11 1.04 -27.12
C SER A 296 9.15 2.46 -26.58
N LEU A 297 8.22 3.28 -27.03
CA LEU A 297 8.07 4.62 -26.51
C LEU A 297 7.57 4.56 -25.07
N LEU A 298 6.79 3.53 -24.73
CA LEU A 298 6.27 3.41 -23.37
C LEU A 298 7.40 3.11 -22.41
N GLN A 299 8.32 2.24 -22.81
CA GLN A 299 9.44 1.88 -21.94
C GLN A 299 10.29 3.11 -21.67
N GLU A 300 10.35 4.00 -22.65
CA GLU A 300 11.06 5.25 -22.50
C GLU A 300 10.35 6.18 -21.54
N ILE A 301 9.06 6.44 -21.79
CA ILE A 301 8.25 7.28 -20.94
C ILE A 301 8.38 6.80 -19.50
N ARG A 302 8.30 5.49 -19.28
CA ARG A 302 8.28 4.92 -17.95
C ARG A 302 9.53 5.27 -17.16
N THR A 303 10.68 5.22 -17.81
CA THR A 303 11.93 5.34 -17.05
C THR A 303 12.28 6.78 -16.76
N SER A 304 11.79 7.68 -17.59
CA SER A 304 12.14 9.08 -17.46
C SER A 304 11.12 9.91 -16.66
N LEU A 305 10.28 9.29 -15.83
CA LEU A 305 9.26 10.05 -15.10
C LEU A 305 9.88 10.80 -13.93
N TYR A 306 9.40 12.02 -13.69
CA TYR A 306 9.82 12.82 -12.56
C TYR A 306 9.88 12.05 -11.23
N HIS A 307 11.02 12.14 -10.57
CA HIS A 307 11.12 11.62 -9.23
C HIS A 307 11.59 12.66 -8.26
N PRO A 308 10.77 12.95 -7.25
CA PRO A 308 11.10 13.97 -6.25
C PRO A 308 12.31 13.59 -5.40
N SER A 309 12.88 14.56 -4.71
CA SER A 309 14.01 14.24 -3.82
C SER A 309 13.73 14.60 -2.35
N THR A 310 14.41 13.90 -1.42
CA THR A 310 14.45 14.28 -0.01
C THR A 310 14.43 15.82 0.20
N PRO A 311 13.47 16.31 1.00
CA PRO A 311 13.38 17.74 1.35
C PRO A 311 14.43 18.14 2.36
N PRO A 312 14.66 19.46 2.53
CA PRO A 312 15.69 19.87 3.49
C PRO A 312 15.29 19.47 4.90
N ALA A 313 16.22 18.93 5.70
CA ALA A 313 15.97 18.66 7.14
C ALA A 313 15.53 19.93 7.85
N SER A 314 14.61 19.84 8.81
CA SER A 314 14.20 21.04 9.54
C SER A 314 15.33 21.40 10.50
N SER A 315 15.36 22.64 10.99
CA SER A 315 16.56 23.12 11.73
C SER A 315 16.80 22.36 13.03
N ARG A 316 15.86 21.52 13.43
CA ARG A 316 16.01 20.84 14.69
C ARG A 316 15.55 19.40 14.65
N SER A 317 16.03 18.69 13.63
CA SER A 317 15.74 17.26 13.49
C SER A 317 16.78 16.43 14.20
N TRP A 318 16.46 15.16 14.42
CA TRP A 318 17.41 14.23 14.95
C TRP A 318 17.43 13.02 14.08
N SER A 319 18.60 12.39 13.99
CA SER A 319 18.74 11.16 13.24
C SER A 319 19.33 10.08 14.12
N PRO A 320 18.75 8.87 14.04
CA PRO A 320 19.06 7.79 14.96
C PRO A 320 20.46 7.23 14.71
N VAL A 321 21.07 6.78 15.78
CA VAL A 321 22.48 6.39 15.82
C VAL A 321 22.51 5.07 16.61
N VAL A 322 23.28 4.11 16.13
CA VAL A 322 23.27 2.78 16.75
C VAL A 322 23.64 2.88 18.22
N GLY A 323 22.88 2.20 19.07
CA GLY A 323 23.14 2.20 20.51
C GLY A 323 22.60 3.40 21.29
N GLN A 324 21.93 4.32 20.59
CA GLN A 324 21.23 5.46 21.21
C GLN A 324 19.97 5.02 21.99
N LEU A 325 19.69 5.76 23.06
CA LEU A 325 18.47 5.59 23.84
C LEU A 325 17.31 6.35 23.24
N VAL A 326 16.27 5.63 22.82
CA VAL A 326 15.14 6.24 22.15
C VAL A 326 13.87 5.65 22.71
N GLN A 327 12.74 6.34 22.53
CA GLN A 327 11.49 5.82 23.05
C GLN A 327 10.39 5.79 22.02
N GLU A 328 9.70 4.65 21.98
CA GLU A 328 8.60 4.43 21.06
C GLU A 328 7.36 5.06 21.60
N ARG A 329 6.58 5.67 20.73
CA ARG A 329 5.30 6.28 21.10
C ARG A 329 4.27 5.22 21.51
N VAL A 330 3.62 5.38 22.66
CA VAL A 330 2.53 4.46 23.01
C VAL A 330 1.46 4.65 21.94
N ALA A 331 0.92 3.55 21.42
CA ALA A 331 0.04 3.61 20.26
C ALA A 331 -1.34 4.20 20.54
N ARG A 332 -2.13 3.53 21.36
CA ARG A 332 -3.45 4.02 21.67
C ARG A 332 -3.52 4.32 23.18
N PRO A 333 -2.88 5.43 23.61
CA PRO A 333 -2.70 5.65 25.05
C PRO A 333 -4.00 5.96 25.72
N ALA A 334 -4.26 5.22 26.80
CA ALA A 334 -5.41 5.47 27.67
C ALA A 334 -5.39 6.89 28.23
N SER A 335 -6.56 7.36 28.61
CA SER A 335 -6.70 8.68 29.17
C SER A 335 -5.83 8.80 30.44
N LEU A 336 -5.08 9.89 30.55
CA LEU A 336 -4.21 10.17 31.71
C LEU A 336 -2.98 9.26 31.85
N ARG A 337 -2.63 8.57 30.78
CA ARG A 337 -1.48 7.66 30.79
C ARG A 337 -0.37 8.21 29.86
N PRO A 338 0.88 7.80 30.08
CA PRO A 338 1.98 8.33 29.28
C PRO A 338 1.82 8.10 27.78
N ARG A 339 2.40 9.01 27.00
CA ARG A 339 2.30 8.96 25.56
C ARG A 339 3.50 8.15 25.03
N TRP A 340 4.47 7.88 25.90
CA TRP A 340 5.71 7.19 25.50
C TRP A 340 6.01 5.94 26.27
N HIS A 341 6.61 4.95 25.62
CA HIS A 341 7.15 3.77 26.27
C HIS A 341 8.49 4.08 26.93
N LYS A 342 9.00 3.14 27.72
CA LYS A 342 10.28 3.32 28.43
C LYS A 342 11.39 3.39 27.45
N PRO A 343 12.53 3.96 27.87
CA PRO A 343 13.63 4.05 26.92
C PRO A 343 14.03 2.69 26.37
N SER A 344 14.52 2.65 25.13
CA SER A 344 15.08 1.44 24.55
C SER A 344 16.23 1.77 23.61
N THR A 345 16.90 0.73 23.11
CA THR A 345 18.17 0.96 22.41
C THR A 345 18.01 0.67 20.92
N VAL A 346 18.70 1.47 20.12
CA VAL A 346 18.70 1.34 18.68
C VAL A 346 19.67 0.23 18.36
N LEU A 347 19.15 -0.95 17.98
CA LEU A 347 20.00 -2.06 17.52
C LEU A 347 20.62 -1.79 16.16
N LYS A 348 19.79 -1.40 15.20
CA LYS A 348 20.24 -1.29 13.83
C LYS A 348 19.56 -0.12 13.14
N VAL A 349 20.34 0.66 12.40
CA VAL A 349 19.77 1.75 11.59
C VAL A 349 19.51 1.25 10.16
N LEU A 350 18.33 0.70 9.91
CA LEU A 350 17.96 0.19 8.59
C LEU A 350 18.10 1.23 7.48
N ASN A 351 17.62 2.44 7.73
CA ASN A 351 17.88 3.63 6.88
C ASN A 351 17.75 4.85 7.79
N PRO A 352 17.88 6.08 7.26
CA PRO A 352 17.83 7.21 8.19
C PRO A 352 16.45 7.50 8.78
N ARG A 353 15.41 6.78 8.36
CA ARG A 353 14.04 7.05 8.82
C ARG A 353 13.42 5.79 9.40
N THR A 354 14.19 4.71 9.41
CA THR A 354 13.71 3.41 9.90
C THR A 354 14.74 2.72 10.78
N VAL A 355 14.30 2.17 11.91
CA VAL A 355 15.24 1.52 12.83
C VAL A 355 14.71 0.26 13.51
N VAL A 356 15.65 -0.53 14.01
CA VAL A 356 15.32 -1.70 14.83
C VAL A 356 15.77 -1.41 16.24
N ILE A 357 14.87 -1.69 17.17
CA ILE A 357 15.12 -1.35 18.55
C ILE A 357 14.86 -2.58 19.40
N LEU A 358 15.62 -2.66 20.50
CA LEU A 358 15.36 -3.67 21.54
C LEU A 358 14.46 -3.10 22.64
N ASP A 359 13.23 -3.60 22.65
CA ASP A 359 12.08 -2.86 23.18
C ASP A 359 11.74 -2.99 24.64
N HIS A 360 10.54 -2.47 24.95
CA HIS A 360 9.97 -2.22 26.30
C HIS A 360 9.82 -3.42 27.20
N LEU A 361 9.60 -4.58 26.58
CA LEU A 361 9.68 -5.91 27.21
C LEU A 361 11.09 -6.50 26.99
N GLY A 362 11.28 -7.19 25.85
CA GLY A 362 12.62 -7.64 25.43
C GLY A 362 12.71 -8.01 23.96
N ASN A 363 11.77 -7.56 23.14
CA ASN A 363 11.73 -7.93 21.72
C ASN A 363 12.43 -6.98 20.76
N ASN A 364 12.67 -7.49 19.55
CA ASN A 364 13.12 -6.70 18.42
C ASN A 364 11.89 -6.08 17.78
N ARG A 365 11.98 -4.80 17.40
CA ARG A 365 10.90 -4.13 16.68
C ARG A 365 11.47 -3.23 15.63
N THR A 366 10.87 -3.29 14.45
CA THR A 366 11.20 -2.33 13.39
C THR A 366 10.17 -1.19 13.42
N VAL A 367 10.66 0.04 13.61
CA VAL A 367 9.77 1.16 13.79
C VAL A 367 10.20 2.36 12.97
N SER A 368 9.24 3.22 12.64
CA SER A 368 9.53 4.49 11.99
C SER A 368 10.11 5.48 12.99
N ILE A 369 11.05 6.29 12.53
CA ILE A 369 11.66 7.35 13.33
C ILE A 369 10.56 8.33 13.83
N ASP A 370 9.49 8.45 13.04
CA ASP A 370 8.30 9.25 13.38
C ASP A 370 7.61 8.75 14.64
N ASN A 371 7.75 7.48 14.96
CA ASN A 371 7.20 6.97 16.21
C ASN A 371 8.20 6.85 17.34
N LEU A 372 9.27 7.63 17.25
CA LEU A 372 10.26 7.64 18.31
C LEU A 372 10.65 9.06 18.70
N LYS A 373 11.03 9.24 19.97
CA LYS A 373 11.82 10.41 20.40
C LYS A 373 13.14 9.96 21.01
N PRO A 374 14.19 10.76 20.84
CA PRO A 374 15.46 10.46 21.52
C PRO A 374 15.33 10.77 22.97
N THR A 375 15.75 9.85 23.84
CA THR A 375 15.65 10.09 25.26
C THR A 375 16.52 11.29 25.65
N SER A 376 15.92 12.27 26.34
CA SER A 376 16.63 13.52 26.66
C SER A 376 17.54 13.33 27.84
N HIS A 377 18.57 14.16 27.91
CA HIS A 377 19.56 14.11 28.99
C HIS A 377 20.39 12.85 28.95
N GLN A 378 20.46 12.19 27.78
CA GLN A 378 21.28 10.95 27.56
C GLN A 378 20.80 9.64 28.23
N ASP B 119 -3.63 2.99 -44.11
CA ASP B 119 -4.47 2.59 -42.93
C ASP B 119 -3.63 2.29 -41.66
N ARG B 120 -4.20 2.62 -40.49
CA ARG B 120 -3.48 2.60 -39.21
C ARG B 120 -3.27 1.18 -38.63
N PRO B 121 -2.09 0.92 -38.02
CA PRO B 121 -1.78 -0.39 -37.42
C PRO B 121 -2.76 -0.80 -36.32
N GLN B 122 -2.81 -2.09 -36.04
CA GLN B 122 -3.76 -2.64 -35.09
C GLN B 122 -3.29 -2.44 -33.64
N LYS B 123 -4.19 -2.04 -32.76
CA LYS B 123 -3.83 -1.81 -31.37
C LYS B 123 -4.69 -2.61 -30.40
N PRO B 124 -4.27 -2.71 -29.13
CA PRO B 124 -5.13 -3.26 -28.09
C PRO B 124 -6.35 -2.39 -27.91
N PHE B 125 -7.46 -3.00 -27.48
CA PHE B 125 -8.74 -2.29 -27.28
C PHE B 125 -9.43 -1.90 -28.57
N ASP B 126 -8.83 -2.22 -29.71
CA ASP B 126 -9.47 -2.00 -31.02
C ASP B 126 -10.72 -2.83 -31.19
N LYS B 127 -10.68 -4.06 -30.71
CA LYS B 127 -11.74 -5.02 -30.95
C LYS B 127 -11.68 -6.10 -29.87
N PHE B 128 -12.81 -6.37 -29.22
CA PHE B 128 -12.92 -7.44 -28.24
C PHE B 128 -13.81 -8.51 -28.84
N PHE B 129 -13.36 -9.75 -28.84
CA PHE B 129 -14.18 -10.82 -29.33
C PHE B 129 -14.76 -11.50 -28.11
N ILE B 130 -16.07 -11.58 -28.08
CA ILE B 130 -16.77 -12.19 -26.95
C ILE B 130 -17.60 -13.40 -27.39
N ASP B 131 -17.74 -14.36 -26.48
CA ASP B 131 -18.54 -15.52 -26.77
C ASP B 131 -18.79 -16.28 -25.49
N TYR B 132 -19.84 -17.10 -25.46
CA TYR B 132 -20.10 -17.95 -24.30
C TYR B 132 -19.57 -19.34 -24.51
N ILE B 133 -19.24 -19.99 -23.41
CA ILE B 133 -18.88 -21.42 -23.39
C ILE B 133 -19.73 -22.04 -22.28
N GLY B 134 -20.49 -23.08 -22.64
CA GLY B 134 -21.33 -23.81 -21.68
C GLY B 134 -22.62 -24.31 -22.31
N PRO B 135 -23.50 -24.91 -21.49
CA PRO B 135 -23.33 -25.03 -20.04
C PRO B 135 -22.24 -25.99 -19.65
N LEU B 136 -21.64 -25.74 -18.49
CA LEU B 136 -20.69 -26.67 -17.89
C LEU B 136 -21.30 -27.22 -16.61
N PRO B 137 -20.65 -28.25 -16.02
CA PRO B 137 -21.12 -28.72 -14.73
C PRO B 137 -21.16 -27.58 -13.72
N PRO B 138 -22.20 -27.53 -12.88
CA PRO B 138 -22.27 -26.52 -11.81
C PRO B 138 -20.95 -26.39 -11.08
N SER B 139 -20.48 -25.16 -10.91
CA SER B 139 -19.35 -24.90 -10.01
C SER B 139 -19.61 -23.66 -9.23
N GLN B 140 -19.68 -23.81 -7.91
CA GLN B 140 -20.04 -22.72 -7.01
C GLN B 140 -21.19 -21.86 -7.55
N GLY B 141 -22.18 -22.52 -8.15
CA GLY B 141 -23.38 -21.87 -8.63
C GLY B 141 -23.36 -21.48 -10.09
N TYR B 142 -22.20 -21.58 -10.74
CA TYR B 142 -22.07 -21.05 -12.10
C TYR B 142 -22.12 -22.12 -13.15
N LEU B 143 -22.52 -21.73 -14.37
CA LEU B 143 -22.76 -22.67 -15.47
C LEU B 143 -22.06 -22.33 -16.78
N TYR B 144 -21.66 -21.08 -16.97
CA TYR B 144 -21.10 -20.64 -18.24
C TYR B 144 -19.87 -19.78 -18.07
N VAL B 145 -19.12 -19.59 -19.16
CA VAL B 145 -17.97 -18.71 -19.14
C VAL B 145 -18.12 -17.73 -20.27
N LEU B 146 -18.15 -16.45 -19.94
CA LEU B 146 -18.07 -15.46 -20.99
C LEU B 146 -16.58 -15.29 -21.35
N VAL B 147 -16.28 -15.35 -22.63
CA VAL B 147 -14.90 -15.25 -23.07
C VAL B 147 -14.69 -13.98 -23.84
N VAL B 148 -13.75 -13.17 -23.36
CA VAL B 148 -13.32 -11.96 -24.06
C VAL B 148 -11.85 -12.11 -24.43
N VAL B 149 -11.57 -11.85 -25.69
CA VAL B 149 -10.20 -11.92 -26.18
C VAL B 149 -9.92 -10.65 -26.95
N ASP B 150 -8.78 -10.03 -26.63
CA ASP B 150 -8.39 -8.84 -27.35
C ASP B 150 -7.80 -9.23 -28.70
N GLY B 151 -8.30 -8.59 -29.76
CA GLY B 151 -7.97 -8.95 -31.14
C GLY B 151 -6.50 -8.79 -31.47
N MET B 152 -5.92 -7.67 -31.05
CA MET B 152 -4.53 -7.37 -31.35
C MET B 152 -3.60 -8.21 -30.48
N THR B 153 -3.84 -8.24 -29.16
CA THR B 153 -2.91 -8.83 -28.22
C THR B 153 -3.17 -10.31 -27.96
N GLY B 154 -4.39 -10.75 -28.21
CA GLY B 154 -4.80 -12.10 -27.85
C GLY B 154 -4.96 -12.28 -26.34
N PHE B 155 -5.02 -11.16 -25.60
CA PHE B 155 -5.21 -11.24 -24.16
C PHE B 155 -6.63 -11.72 -23.90
N THR B 156 -6.79 -12.55 -22.86
CA THR B 156 -8.06 -13.20 -22.59
C THR B 156 -8.60 -12.85 -21.21
N TRP B 157 -9.88 -12.47 -21.19
CA TRP B 157 -10.62 -12.35 -19.95
C TRP B 157 -11.72 -13.35 -19.93
N LEU B 158 -11.94 -13.95 -18.76
CA LEU B 158 -13.01 -14.92 -18.54
C LEU B 158 -13.94 -14.56 -17.36
N TYR B 159 -15.25 -14.57 -17.57
CA TYR B 159 -16.20 -14.32 -16.48
C TYR B 159 -17.23 -15.42 -16.38
N PRO B 160 -17.37 -16.00 -15.17
CA PRO B 160 -18.35 -17.05 -14.91
C PRO B 160 -19.75 -16.46 -14.82
N THR B 161 -20.73 -17.06 -15.49
CA THR B 161 -22.11 -16.59 -15.35
C THR B 161 -23.08 -17.74 -15.01
N LYS B 162 -24.31 -17.39 -14.63
CA LYS B 162 -25.32 -18.40 -14.32
C LYS B 162 -26.19 -18.70 -15.54
N ALA B 163 -26.02 -17.90 -16.60
CA ALA B 163 -26.81 -18.02 -17.83
C ALA B 163 -26.15 -17.25 -18.97
N PRO B 164 -26.52 -17.56 -20.21
CA PRO B 164 -26.01 -16.79 -21.33
C PRO B 164 -26.96 -15.66 -21.72
N SER B 165 -27.24 -14.76 -20.80
CA SER B 165 -28.25 -13.72 -21.02
C SER B 165 -27.64 -12.35 -21.17
N THR B 166 -28.41 -11.42 -21.75
CA THR B 166 -27.99 -10.02 -21.87
C THR B 166 -27.61 -9.48 -20.50
N SER B 167 -28.43 -9.83 -19.51
CA SER B 167 -28.19 -9.43 -18.14
C SER B 167 -26.83 -9.92 -17.65
N ALA B 168 -26.55 -11.22 -17.78
CA ALA B 168 -25.28 -11.75 -17.29
C ALA B 168 -24.10 -11.18 -18.08
N THR B 169 -24.35 -10.88 -19.35
CA THR B 169 -23.30 -10.35 -20.19
C THR B 169 -22.92 -8.95 -19.73
N VAL B 170 -23.95 -8.10 -19.58
CA VAL B 170 -23.80 -6.72 -19.08
C VAL B 170 -23.12 -6.70 -17.68
N LYS B 171 -23.55 -7.58 -16.79
CA LYS B 171 -22.99 -7.62 -15.45
C LYS B 171 -21.47 -7.82 -15.57
N SER B 172 -21.09 -8.81 -16.37
CA SER B 172 -19.70 -9.18 -16.53
C SER B 172 -18.92 -8.13 -17.28
N LEU B 173 -19.47 -7.65 -18.37
CA LEU B 173 -18.78 -6.64 -19.19
C LEU B 173 -18.61 -5.32 -18.45
N ASN B 174 -19.51 -5.04 -17.52
CA ASN B 174 -19.37 -3.88 -16.66
C ASN B 174 -18.10 -3.91 -15.83
N VAL B 175 -17.71 -5.11 -15.39
CA VAL B 175 -16.50 -5.30 -14.65
C VAL B 175 -15.32 -4.97 -15.55
N LEU B 176 -15.29 -5.57 -16.73
CA LEU B 176 -14.17 -5.39 -17.64
C LEU B 176 -14.07 -3.97 -18.19
N THR B 177 -15.22 -3.37 -18.47
CA THR B 177 -15.25 -2.07 -19.14
C THR B 177 -15.02 -0.97 -18.12
N SER B 178 -14.70 -1.37 -16.89
CA SER B 178 -14.32 -0.42 -15.88
C SER B 178 -12.79 -0.52 -15.71
N ILE B 179 -12.17 -1.39 -16.52
CA ILE B 179 -10.73 -1.47 -16.62
C ILE B 179 -10.30 -0.91 -17.98
N ALA B 180 -10.93 -1.34 -19.06
CA ALA B 180 -10.66 -0.77 -20.40
C ALA B 180 -11.88 -0.90 -21.29
N ILE B 181 -12.05 0.02 -22.23
CA ILE B 181 -13.23 -0.03 -23.09
C ILE B 181 -12.83 -0.28 -24.55
N PRO B 182 -13.37 -1.33 -25.18
CA PRO B 182 -13.03 -1.56 -26.58
C PRO B 182 -13.78 -0.57 -27.48
N LYS B 183 -13.20 -0.24 -28.63
CA LYS B 183 -13.95 0.46 -29.69
C LYS B 183 -15.09 -0.41 -30.28
N VAL B 184 -14.80 -1.69 -30.48
CA VAL B 184 -15.72 -2.60 -31.16
C VAL B 184 -15.76 -3.87 -30.36
N ILE B 185 -16.96 -4.41 -30.17
CA ILE B 185 -17.15 -5.77 -29.69
C ILE B 185 -17.64 -6.60 -30.88
N HIS B 186 -17.04 -7.77 -31.07
CA HIS B 186 -17.44 -8.71 -32.11
C HIS B 186 -18.06 -9.95 -31.50
N SER B 187 -19.18 -10.40 -32.05
CA SER B 187 -19.80 -11.66 -31.59
C SER B 187 -20.61 -12.35 -32.69
N ASP B 188 -20.94 -13.64 -32.44
CA ASP B 188 -22.00 -14.33 -33.17
C ASP B 188 -23.34 -13.72 -32.80
N GLN B 189 -24.38 -14.16 -33.49
CA GLN B 189 -25.71 -13.59 -33.28
C GLN B 189 -26.41 -14.33 -32.15
N GLY B 190 -25.65 -14.72 -31.14
CA GLY B 190 -26.23 -15.18 -29.88
C GLY B 190 -27.35 -14.26 -29.42
N ALA B 191 -28.38 -14.85 -28.82
CA ALA B 191 -29.53 -14.09 -28.31
C ALA B 191 -29.06 -12.92 -27.45
N ALA B 192 -28.26 -13.25 -26.42
CA ALA B 192 -27.74 -12.27 -25.46
C ALA B 192 -27.09 -11.04 -26.10
N PHE B 193 -26.50 -11.20 -27.28
CA PHE B 193 -25.73 -10.11 -27.90
C PHE B 193 -26.57 -9.35 -28.91
N THR B 194 -27.69 -9.92 -29.28
CA THR B 194 -28.52 -9.28 -30.32
C THR B 194 -29.71 -8.51 -29.75
N SER B 195 -30.04 -8.77 -28.47
CA SER B 195 -31.04 -8.01 -27.70
C SER B 195 -30.84 -6.51 -27.81
N SER B 196 -31.92 -5.75 -27.69
CA SER B 196 -31.76 -4.30 -27.80
C SER B 196 -31.30 -3.70 -26.46
N THR B 197 -31.48 -4.46 -25.38
CA THR B 197 -30.87 -4.10 -24.11
C THR B 197 -29.35 -4.07 -24.29
N PHE B 198 -28.76 -5.13 -24.85
CA PHE B 198 -27.32 -5.14 -25.08
C PHE B 198 -26.93 -4.03 -26.02
N ALA B 199 -27.68 -3.85 -27.09
CA ALA B 199 -27.41 -2.72 -27.97
C ALA B 199 -27.40 -1.38 -27.22
N GLU B 200 -28.45 -1.11 -26.42
CA GLU B 200 -28.52 0.14 -25.64
C GLU B 200 -27.23 0.32 -24.79
N TRP B 201 -26.89 -0.73 -24.03
CA TRP B 201 -25.67 -0.77 -23.25
C TRP B 201 -24.43 -0.32 -24.00
N ALA B 202 -24.24 -0.85 -25.19
CA ALA B 202 -23.03 -0.52 -25.93
C ALA B 202 -23.08 0.91 -26.45
N LYS B 203 -24.22 1.31 -26.99
CA LYS B 203 -24.37 2.68 -27.48
C LYS B 203 -24.03 3.68 -26.39
N GLU B 204 -24.47 3.39 -25.17
CA GLU B 204 -24.18 4.21 -23.98
C GLU B 204 -22.68 4.38 -23.79
N ARG B 205 -21.87 3.53 -24.38
CA ARG B 205 -20.46 3.65 -24.08
C ARG B 205 -19.65 3.92 -25.31
N GLY B 206 -20.33 4.32 -26.38
CA GLY B 206 -19.72 4.50 -27.69
C GLY B 206 -18.92 3.28 -28.12
N ILE B 207 -19.41 2.09 -27.75
CA ILE B 207 -18.89 0.81 -28.24
C ILE B 207 -19.67 0.40 -29.48
N HIS B 208 -19.03 0.34 -30.64
CA HIS B 208 -19.72 -0.15 -31.83
C HIS B 208 -19.86 -1.66 -31.79
N LEU B 209 -21.05 -2.19 -32.07
CA LEU B 209 -21.26 -3.65 -32.13
C LEU B 209 -21.12 -4.23 -33.53
N GLU B 210 -20.66 -5.48 -33.59
CA GLU B 210 -20.28 -6.14 -34.84
C GLU B 210 -20.56 -7.64 -34.81
N PHE B 211 -21.32 -8.08 -35.81
CA PHE B 211 -21.83 -9.44 -35.89
C PHE B 211 -21.30 -10.20 -37.10
N SER B 212 -20.91 -11.44 -36.85
CA SER B 212 -20.68 -12.38 -37.92
C SER B 212 -22.06 -12.88 -38.38
N THR B 213 -22.21 -13.18 -39.67
CA THR B 213 -23.49 -13.67 -40.21
C THR B 213 -23.83 -15.06 -39.65
N PRO B 214 -25.14 -15.39 -39.52
CA PRO B 214 -25.48 -16.64 -38.80
C PRO B 214 -24.90 -17.88 -39.46
N TYR B 215 -24.51 -18.83 -38.61
CA TYR B 215 -23.97 -20.13 -39.02
C TYR B 215 -22.55 -20.06 -39.56
N HIS B 216 -22.16 -18.89 -40.09
CA HIS B 216 -20.80 -18.66 -40.61
C HIS B 216 -19.94 -17.70 -39.76
N PRO B 217 -19.37 -18.20 -38.62
CA PRO B 217 -18.62 -17.35 -37.69
C PRO B 217 -17.18 -17.02 -38.14
N GLN B 218 -16.88 -15.75 -38.37
CA GLN B 218 -15.50 -15.34 -38.69
C GLN B 218 -14.91 -14.45 -37.58
N SER B 219 -13.66 -14.72 -37.20
CA SER B 219 -12.93 -13.90 -36.22
C SER B 219 -11.64 -13.37 -36.83
N SER B 220 -10.54 -13.99 -36.41
CA SER B 220 -9.20 -13.79 -36.96
C SER B 220 -8.46 -15.07 -36.60
N GLY B 221 -7.35 -15.34 -37.30
CA GLY B 221 -6.58 -16.55 -37.05
C GLY B 221 -6.15 -16.66 -35.60
N LYS B 222 -5.57 -15.56 -35.12
CA LYS B 222 -5.05 -15.43 -33.75
C LYS B 222 -6.17 -15.75 -32.77
N VAL B 223 -7.31 -15.07 -32.97
CA VAL B 223 -8.46 -15.29 -32.11
C VAL B 223 -8.99 -16.73 -32.16
N GLU B 224 -9.26 -17.22 -33.38
CA GLU B 224 -9.71 -18.60 -33.59
C GLU B 224 -8.87 -19.58 -32.77
N ARG B 225 -7.55 -19.47 -32.95
CA ARG B 225 -6.59 -20.35 -32.27
C ARG B 225 -6.65 -20.18 -30.76
N LYS B 226 -6.68 -18.92 -30.31
CA LYS B 226 -6.84 -18.63 -28.89
C LYS B 226 -8.07 -19.34 -28.34
N ASN B 227 -9.22 -19.14 -29.00
CA ASN B 227 -10.48 -19.73 -28.55
C ASN B 227 -10.42 -21.23 -28.48
N SER B 228 -9.67 -21.79 -29.41
CA SER B 228 -9.43 -23.19 -29.45
C SER B 228 -8.65 -23.63 -28.18
N ASP B 229 -7.52 -22.99 -27.90
CA ASP B 229 -6.74 -23.27 -26.67
C ASP B 229 -7.64 -23.23 -25.43
N ILE B 230 -8.51 -22.22 -25.38
CA ILE B 230 -9.40 -21.99 -24.25
C ILE B 230 -10.28 -23.20 -24.03
N LYS B 231 -10.99 -23.63 -25.09
CA LYS B 231 -11.84 -24.84 -25.00
C LYS B 231 -11.03 -26.07 -24.55
N ARG B 232 -9.91 -26.34 -25.22
CA ARG B 232 -9.08 -27.49 -24.87
C ARG B 232 -8.61 -27.44 -23.41
N LEU B 233 -7.94 -26.34 -23.03
CA LEU B 233 -7.41 -26.20 -21.67
C LEU B 233 -8.49 -26.36 -20.59
N LEU B 234 -9.68 -25.82 -20.84
CA LEU B 234 -10.79 -26.02 -19.92
C LEU B 234 -11.09 -27.51 -19.74
N THR B 235 -11.41 -28.19 -20.85
CA THR B 235 -11.65 -29.63 -20.89
C THR B 235 -10.60 -30.40 -20.09
N LYS B 236 -9.33 -30.01 -20.25
CA LYS B 236 -8.23 -30.71 -19.60
C LYS B 236 -8.33 -30.62 -18.07
N LEU B 237 -8.92 -29.55 -17.56
CA LEU B 237 -8.94 -29.38 -16.10
C LEU B 237 -10.27 -29.76 -15.42
N LEU B 238 -11.38 -29.55 -16.12
CA LEU B 238 -12.67 -30.07 -15.66
C LEU B 238 -12.85 -31.60 -15.83
N VAL B 239 -11.74 -32.34 -15.91
CA VAL B 239 -11.80 -33.81 -15.75
C VAL B 239 -11.12 -34.12 -14.43
N GLY B 240 -11.69 -35.05 -13.68
CA GLY B 240 -11.22 -35.33 -12.31
C GLY B 240 -11.84 -34.37 -11.32
N ARG B 241 -12.06 -33.12 -11.74
CA ARG B 241 -12.71 -32.09 -10.91
C ARG B 241 -13.67 -31.20 -11.73
N PRO B 242 -14.67 -31.81 -12.39
CA PRO B 242 -15.56 -31.10 -13.33
C PRO B 242 -16.36 -29.99 -12.65
N THR B 243 -16.28 -29.96 -11.34
CA THR B 243 -17.11 -29.15 -10.49
C THR B 243 -16.30 -28.00 -9.86
N LYS B 244 -14.97 -28.08 -9.98
CA LYS B 244 -14.07 -27.17 -9.27
C LYS B 244 -13.46 -26.08 -10.18
N TRP B 245 -14.03 -25.86 -11.37
CA TRP B 245 -13.43 -24.93 -12.33
C TRP B 245 -13.51 -23.48 -11.95
N TYR B 246 -14.59 -23.10 -11.25
CA TYR B 246 -14.74 -21.72 -10.82
C TYR B 246 -13.44 -21.24 -10.19
N ASP B 247 -12.94 -21.98 -9.23
CA ASP B 247 -11.69 -21.63 -8.56
C ASP B 247 -10.50 -21.47 -9.50
N LEU B 248 -10.52 -22.19 -10.62
CA LEU B 248 -9.36 -22.29 -11.51
C LEU B 248 -9.32 -21.23 -12.62
N LEU B 249 -10.42 -20.52 -12.80
CA LEU B 249 -10.47 -19.54 -13.85
C LEU B 249 -9.30 -18.53 -13.80
N PRO B 250 -8.89 -18.09 -12.60
CA PRO B 250 -7.70 -17.21 -12.59
C PRO B 250 -6.41 -17.89 -13.13
N VAL B 251 -6.14 -19.13 -12.74
CA VAL B 251 -4.88 -19.73 -13.17
C VAL B 251 -4.91 -20.05 -14.68
N VAL B 252 -6.11 -20.38 -15.16
CA VAL B 252 -6.34 -20.58 -16.59
C VAL B 252 -5.97 -19.35 -17.39
N GLN B 253 -6.46 -18.19 -16.93
CA GLN B 253 -6.19 -16.95 -17.63
C GLN B 253 -4.71 -16.64 -17.67
N LEU B 254 -4.01 -16.80 -16.54
CA LEU B 254 -2.58 -16.45 -16.49
C LEU B 254 -1.82 -17.30 -17.48
N ALA B 255 -2.19 -18.59 -17.52
CA ALA B 255 -1.65 -19.55 -18.49
C ALA B 255 -1.86 -18.99 -19.89
N LEU B 256 -3.12 -18.87 -20.30
CA LEU B 256 -3.44 -18.37 -21.61
C LEU B 256 -2.68 -17.10 -21.95
N ASN B 257 -2.47 -16.22 -20.98
CA ASN B 257 -1.97 -14.88 -21.27
C ASN B 257 -0.45 -14.80 -21.23
N ASN B 258 0.15 -15.82 -20.62
CA ASN B 258 1.61 -15.96 -20.65
C ASN B 258 2.06 -17.08 -21.58
N THR B 259 1.26 -17.32 -22.62
CA THR B 259 1.59 -18.33 -23.63
C THR B 259 2.20 -17.64 -24.83
N TYR B 260 3.34 -18.17 -25.25
CA TYR B 260 4.05 -17.66 -26.39
C TYR B 260 3.19 -17.81 -27.67
N SER B 261 3.13 -16.72 -28.45
CA SER B 261 2.50 -16.73 -29.79
C SER B 261 3.53 -17.02 -30.91
N PRO B 262 3.47 -18.25 -31.51
CA PRO B 262 4.37 -18.63 -32.61
C PRO B 262 4.55 -17.50 -33.64
N VAL B 263 3.44 -16.93 -34.10
CA VAL B 263 3.43 -15.83 -35.09
C VAL B 263 4.09 -14.53 -34.62
N LEU B 264 3.75 -14.06 -33.43
CA LEU B 264 4.44 -12.90 -32.85
C LEU B 264 5.59 -13.34 -31.93
N LYS B 265 6.57 -12.48 -31.77
CA LYS B 265 7.66 -12.80 -30.86
C LYS B 265 7.21 -12.84 -29.38
N TYR B 266 5.95 -12.47 -29.10
CA TYR B 266 5.55 -12.14 -27.73
C TYR B 266 4.30 -12.83 -27.19
N THR B 267 4.18 -12.92 -25.85
CA THR B 267 2.92 -13.35 -25.20
C THR B 267 1.92 -12.18 -25.09
N PRO B 268 0.64 -12.50 -24.86
CA PRO B 268 -0.33 -11.41 -24.77
C PRO B 268 -0.05 -10.45 -23.59
N HIS B 269 0.38 -11.01 -22.47
CA HIS B 269 0.86 -10.19 -21.37
C HIS B 269 1.88 -9.19 -21.86
N GLN B 270 2.88 -9.65 -22.60
CA GLN B 270 3.91 -8.74 -23.05
C GLN B 270 3.37 -7.67 -24.01
N LEU B 271 2.43 -8.04 -24.88
CA LEU B 271 1.90 -7.06 -25.83
C LEU B 271 0.98 -6.05 -25.16
N LEU B 272 0.33 -6.49 -24.09
CA LEU B 272 -0.62 -5.65 -23.43
C LEU B 272 0.10 -4.61 -22.57
N PHE B 273 1.06 -5.08 -21.79
CA PHE B 273 1.71 -4.27 -20.81
C PHE B 273 3.11 -3.80 -21.18
N GLY B 274 3.75 -4.46 -22.13
CA GLY B 274 5.09 -4.08 -22.59
C GLY B 274 6.23 -4.44 -21.65
N ILE B 275 6.09 -5.58 -20.98
CA ILE B 275 7.06 -6.04 -19.97
C ILE B 275 6.94 -7.55 -19.84
N ASP B 276 7.96 -8.20 -19.29
CA ASP B 276 7.87 -9.61 -18.96
C ASP B 276 6.89 -9.77 -17.81
N SER B 277 6.50 -10.99 -17.53
CA SER B 277 5.48 -11.27 -16.55
C SER B 277 6.19 -11.92 -15.39
N ASN B 278 5.71 -11.76 -14.18
CA ASN B 278 6.33 -12.44 -13.05
C ASN B 278 5.96 -13.91 -12.96
N THR B 279 5.06 -14.35 -13.85
CA THR B 279 4.70 -15.75 -13.92
C THR B 279 4.74 -16.17 -15.38
N PRO B 280 5.92 -16.61 -15.86
CA PRO B 280 6.04 -17.09 -17.23
C PRO B 280 5.66 -18.56 -17.24
N PHE B 281 4.98 -19.03 -18.27
CA PHE B 281 4.63 -20.43 -18.29
C PHE B 281 5.59 -21.19 -19.17
N ALA B 282 6.71 -21.57 -18.54
CA ALA B 282 7.90 -22.08 -19.20
C ALA B 282 7.70 -23.47 -19.83
N ASN B 283 7.05 -24.38 -19.10
CA ASN B 283 6.74 -25.72 -19.62
C ASN B 283 5.41 -25.75 -20.40
N GLN B 284 5.33 -24.99 -21.50
CA GLN B 284 4.19 -25.04 -22.43
C GLN B 284 3.78 -26.52 -22.57
N ASP B 285 2.50 -26.80 -22.32
CA ASP B 285 2.03 -28.16 -22.01
C ASP B 285 1.55 -29.07 -23.13
N THR B 286 1.20 -30.30 -22.76
CA THR B 286 0.56 -31.26 -23.66
C THR B 286 -0.73 -30.64 -24.19
N LEU B 287 -1.61 -30.24 -23.25
CA LEU B 287 -2.93 -29.71 -23.58
C LEU B 287 -3.79 -30.82 -24.21
N ASP B 288 -3.23 -32.01 -24.31
CA ASP B 288 -3.88 -33.21 -24.83
C ASP B 288 -4.26 -34.14 -23.68
N LEU B 289 -5.38 -34.83 -23.84
CA LEU B 289 -5.88 -35.81 -22.88
C LEU B 289 -4.98 -37.06 -22.79
N THR B 290 -4.35 -37.26 -21.62
CA THR B 290 -3.54 -38.46 -21.35
C THR B 290 -4.46 -39.68 -21.25
N ARG B 291 -3.90 -40.87 -21.49
CA ARG B 291 -4.69 -42.11 -21.57
C ARG B 291 -5.76 -42.30 -20.48
N GLU B 292 -5.39 -41.99 -19.23
CA GLU B 292 -6.30 -42.10 -18.07
C GLU B 292 -7.52 -41.18 -18.14
N GLU B 293 -7.32 -39.97 -18.67
CA GLU B 293 -8.36 -38.95 -18.77
C GLU B 293 -9.36 -39.26 -19.88
N GLU B 294 -8.88 -39.89 -20.96
CA GLU B 294 -9.74 -40.33 -22.05
C GLU B 294 -10.77 -41.32 -21.51
N LEU B 295 -10.29 -42.29 -20.74
CA LEU B 295 -11.12 -43.36 -20.18
C LEU B 295 -12.07 -42.88 -19.07
N SER B 296 -11.70 -41.80 -18.37
CA SER B 296 -12.58 -41.20 -17.35
C SER B 296 -13.31 -39.92 -17.78
N LEU B 297 -13.09 -39.51 -19.04
CA LEU B 297 -13.94 -38.50 -19.69
C LEU B 297 -14.99 -39.18 -20.58
N LEU B 298 -14.59 -40.26 -21.28
CA LEU B 298 -15.54 -41.13 -21.98
C LEU B 298 -16.33 -42.01 -20.98
N GLN B 299 -16.05 -41.87 -19.68
CA GLN B 299 -16.80 -42.53 -18.59
C GLN B 299 -17.55 -41.56 -17.66
N GLU B 300 -17.07 -40.32 -17.55
CA GLU B 300 -17.80 -39.26 -16.82
C GLU B 300 -19.06 -38.83 -17.57
N ILE B 301 -18.96 -38.71 -18.90
CA ILE B 301 -20.12 -38.47 -19.77
C ILE B 301 -20.87 -39.78 -20.08
N ARG B 302 -21.11 -40.58 -19.03
CA ARG B 302 -21.70 -41.93 -19.13
C ARG B 302 -23.23 -41.89 -19.17
#